data_6L70
#
_entry.id   6L70
#
_cell.length_a   56.860
_cell.length_b   92.220
_cell.length_c   58.300
_cell.angle_alpha   90.000
_cell.angle_beta   100.090
_cell.angle_gamma   90.000
#
_symmetry.space_group_name_H-M   'P 1 21 1'
#
loop_
_entity.id
_entity.type
_entity.pdbx_description
1 polymer 'PEDV main protease'
2 non-polymer '(1S,2S)-2-({N-[(benzyloxy)carbonyl]-L-leucyl}amino)-1-hydroxy-3-[(3S)-2-oxopyrrolidin-3-yl]propane-1-sulfonic acid'
3 water water
#
_entity_poly.entity_id   1
_entity_poly.type   'polypeptide(L)'
_entity_poly.pdbx_seq_one_letter_code
;AGLRKMAQPSGVVEKCIVRVCYGNMALNGLWLGDTVMCPRHVIASSTTSTIDYDYALSVLRLHNFSISSGNVFLGVVGVT
MRGALLQIKVNQNNVHTPKYTYRTVRPGESFNILACYDGAAAGVYGVNMRSNYTIRGSFINGACGSPGYNINNGTVEFCY
LHQLELGSGCHVGSDLDGVMYGGYEDQPTLQVEGASSLFTENVLAFLYAALINGSTWWLSSSRIAVDRFNEWAVHNGMTT
VVNTDCFSILAAKTGVDVQRLLASIQSLHKNFGGKQILGYTSLTDEFTTGEVIRQMYGVHHHHHH
;
_entity_poly.pdbx_strand_id   A,B
#
# COMPACT_ATOMS: atom_id res chain seq x y z
N ALA A 1 -13.23 -1.96 10.43
CA ALA A 1 -13.03 -0.50 10.48
C ALA A 1 -11.72 -0.14 9.80
N GLY A 2 -11.67 1.09 9.31
CA GLY A 2 -10.51 1.62 8.65
C GLY A 2 -10.70 1.70 7.14
N LEU A 3 -9.92 2.57 6.52
CA LEU A 3 -9.85 2.61 5.05
C LEU A 3 -8.41 2.86 4.68
N ARG A 4 -7.81 1.94 3.94
CA ARG A 4 -6.42 2.05 3.52
C ARG A 4 -6.32 1.79 2.03
N LYS A 5 -5.47 2.53 1.36
CA LYS A 5 -5.16 2.23 -0.02
C LYS A 5 -4.27 1.00 -0.03
N MET A 6 -4.79 -0.09 -0.54
CA MET A 6 -4.04 -1.33 -0.48
C MET A 6 -3.94 -1.97 -1.84
N ALA A 7 -2.96 -2.86 -1.96
CA ALA A 7 -2.72 -3.65 -3.14
C ALA A 7 -3.24 -5.06 -2.94
N GLN A 8 -3.60 -5.70 -4.02
CA GLN A 8 -3.79 -7.14 -4.05
C GLN A 8 -2.46 -7.86 -3.92
N PRO A 9 -2.44 -9.04 -3.28
CA PRO A 9 -1.17 -9.74 -3.02
C PRO A 9 -0.38 -9.93 -4.30
N SER A 10 0.93 -9.68 -4.23
CA SER A 10 1.76 -9.59 -5.43
C SER A 10 2.44 -10.88 -5.87
N GLY A 11 2.28 -11.98 -5.13
CA GLY A 11 3.05 -13.18 -5.41
C GLY A 11 3.00 -13.67 -6.84
N VAL A 12 1.80 -13.73 -7.42
CA VAL A 12 1.71 -14.30 -8.77
C VAL A 12 2.36 -13.41 -9.83
N VAL A 13 2.51 -12.11 -9.57
CA VAL A 13 3.19 -11.23 -10.52
C VAL A 13 4.70 -11.22 -10.31
N GLU A 14 5.16 -11.43 -9.06
CA GLU A 14 6.58 -11.36 -8.76
C GLU A 14 7.37 -12.36 -9.61
N LYS A 15 6.79 -13.54 -9.83
CA LYS A 15 7.50 -14.57 -10.59
C LYS A 15 7.60 -14.25 -12.09
N CYS A 16 7.06 -13.14 -12.53
CA CYS A 16 7.07 -12.76 -13.94
C CYS A 16 8.06 -11.64 -14.26
N ILE A 17 8.73 -11.08 -13.29
CA ILE A 17 9.62 -9.95 -13.48
C ILE A 17 10.99 -10.46 -13.92
N VAL A 18 11.55 -9.83 -14.95
CA VAL A 18 12.92 -10.05 -15.37
C VAL A 18 13.68 -8.75 -15.52
N ARG A 19 15.01 -8.86 -15.49
CA ARG A 19 15.93 -7.76 -15.74
C ARG A 19 16.23 -7.76 -17.22
N VAL A 20 16.10 -6.60 -17.85
CA VAL A 20 16.39 -6.48 -19.29
C VAL A 20 17.43 -5.38 -19.46
N CYS A 21 18.61 -5.75 -19.97
CA CYS A 21 19.70 -4.79 -20.18
C CYS A 21 20.13 -4.78 -21.64
N TYR A 22 20.41 -3.59 -22.17
CA TYR A 22 20.95 -3.44 -23.52
C TYR A 22 21.85 -2.21 -23.53
N GLY A 23 23.12 -2.40 -23.90
CA GLY A 23 24.02 -1.25 -23.90
C GLY A 23 24.12 -0.66 -22.51
N ASN A 24 23.92 0.65 -22.42
CA ASN A 24 23.95 1.34 -21.12
C ASN A 24 22.60 1.38 -20.42
N MET A 25 21.55 0.81 -21.00
CA MET A 25 20.21 0.88 -20.44
C MET A 25 19.88 -0.37 -19.62
N ALA A 26 19.22 -0.18 -18.49
CA ALA A 26 18.82 -1.29 -17.65
C ALA A 26 17.42 -1.03 -17.17
N LEU A 27 16.50 -1.93 -17.47
CA LEU A 27 15.17 -1.78 -16.91
C LEU A 27 14.55 -3.15 -16.64
N ASN A 28 13.23 -3.19 -16.48
CA ASN A 28 12.51 -4.41 -16.16
C ASN A 28 11.62 -4.85 -17.30
N GLY A 29 11.37 -6.16 -17.36
CA GLY A 29 10.45 -6.72 -18.32
C GLY A 29 9.47 -7.69 -17.65
N LEU A 30 8.45 -8.04 -18.40
CA LEU A 30 7.37 -8.93 -17.96
C LEU A 30 7.43 -10.19 -18.82
N TRP A 31 7.73 -11.33 -18.16
CA TRP A 31 7.97 -12.61 -18.83
C TRP A 31 6.73 -13.48 -18.68
N LEU A 32 6.01 -13.66 -19.79
CA LEU A 32 4.79 -14.43 -19.82
C LEU A 32 4.92 -15.40 -20.99
N GLY A 33 4.74 -16.70 -20.73
CA GLY A 33 4.98 -17.66 -21.78
C GLY A 33 6.42 -17.59 -22.24
N ASP A 34 6.63 -17.54 -23.56
CA ASP A 34 7.97 -17.42 -24.09
C ASP A 34 8.22 -16.01 -24.64
N THR A 35 7.63 -15.00 -24.00
CA THR A 35 7.76 -13.62 -24.45
C THR A 35 8.09 -12.71 -23.28
N VAL A 36 8.99 -11.75 -23.51
CA VAL A 36 9.30 -10.68 -22.55
C VAL A 36 8.86 -9.37 -23.17
N MET A 37 8.00 -8.63 -22.46
CA MET A 37 7.58 -7.30 -22.89
C MET A 37 8.32 -6.27 -22.05
N CYS A 38 8.87 -5.24 -22.69
CA CYS A 38 9.55 -4.16 -21.98
C CYS A 38 9.47 -2.89 -22.73
N PRO A 39 9.64 -1.71 -22.15
CA PRO A 39 9.67 -0.45 -22.86
C PRO A 39 10.77 -0.42 -23.92
N ARG A 40 10.42 0.10 -25.10
CA ARG A 40 11.36 0.06 -26.21
C ARG A 40 12.52 1.04 -26.01
N HIS A 41 12.46 2.01 -25.08
CA HIS A 41 13.64 2.85 -24.96
C HIS A 41 14.86 2.11 -24.38
N VAL A 42 14.71 0.84 -24.01
CA VAL A 42 15.90 0.07 -23.62
C VAL A 42 16.88 -0.02 -24.76
N ILE A 43 16.43 0.13 -26.01
CA ILE A 43 17.34 0.05 -27.16
C ILE A 43 17.71 1.40 -27.71
N ALA A 44 17.24 2.48 -27.09
CA ALA A 44 17.63 3.83 -27.45
C ALA A 44 19.06 4.11 -27.02
N SER A 45 19.79 4.84 -27.85
CA SER A 45 21.18 5.12 -27.56
C SER A 45 21.32 6.58 -27.13
N SER A 46 20.49 7.00 -26.17
CA SER A 46 20.56 8.38 -25.71
C SER A 46 19.48 8.72 -24.68
N THR A 47 18.21 8.70 -25.06
CA THR A 47 17.17 9.31 -24.24
C THR A 47 17.58 10.76 -23.94
N THR A 48 17.81 11.51 -25.03
CA THR A 48 18.25 12.89 -24.89
C THR A 48 17.82 13.71 -26.10
N SER A 49 17.64 13.08 -27.27
CA SER A 49 17.06 13.72 -28.44
C SER A 49 16.06 12.77 -29.11
N THR A 50 15.26 13.30 -30.05
CA THR A 50 14.18 12.51 -30.67
C THR A 50 14.74 11.22 -31.29
N ILE A 51 14.13 10.08 -30.94
CA ILE A 51 14.63 8.75 -31.26
C ILE A 51 13.87 8.20 -32.45
N ASP A 52 14.59 7.65 -33.44
CA ASP A 52 14.00 6.85 -34.52
C ASP A 52 14.06 5.40 -34.06
N TYR A 53 12.98 4.93 -33.45
CA TYR A 53 13.01 3.59 -32.88
C TYR A 53 13.09 2.49 -33.95
N ASP A 54 12.58 2.74 -35.17
CA ASP A 54 12.71 1.72 -36.20
C ASP A 54 14.15 1.55 -36.62
N TYR A 55 14.89 2.64 -36.68
CA TYR A 55 16.31 2.54 -36.98
C TYR A 55 17.02 1.78 -35.87
N ALA A 56 16.75 2.14 -34.61
CA ALA A 56 17.39 1.47 -33.48
C ALA A 56 17.15 -0.03 -33.54
N LEU A 57 15.93 -0.45 -33.90
CA LEU A 57 15.67 -1.86 -34.01
C LEU A 57 16.44 -2.48 -35.18
N SER A 58 16.62 -1.72 -36.26
CA SER A 58 17.26 -2.31 -37.44
C SER A 58 18.73 -2.60 -37.23
N VAL A 59 19.40 -1.91 -36.30
CA VAL A 59 20.82 -2.09 -36.01
C VAL A 59 21.06 -2.89 -34.75
N LEU A 60 20.02 -3.50 -34.20
CA LEU A 60 20.15 -4.23 -32.96
C LEU A 60 20.93 -5.52 -33.16
N ARG A 61 21.69 -5.89 -32.14
CA ARG A 61 22.37 -7.18 -32.09
C ARG A 61 21.71 -7.99 -30.97
N LEU A 62 21.05 -9.09 -31.31
CA LEU A 62 20.35 -9.89 -30.32
C LEU A 62 21.27 -10.27 -29.16
N HIS A 63 22.55 -10.53 -29.46
CA HIS A 63 23.46 -11.01 -28.43
C HIS A 63 23.79 -9.95 -27.39
N ASN A 64 23.59 -8.68 -27.71
CA ASN A 64 23.91 -7.62 -26.76
C ASN A 64 22.82 -7.44 -25.70
N PHE A 65 21.73 -8.21 -25.78
CA PHE A 65 20.77 -8.26 -24.68
C PHE A 65 21.32 -9.11 -23.54
N SER A 66 20.98 -8.70 -22.31
CA SER A 66 21.10 -9.56 -21.13
C SER A 66 19.73 -9.55 -20.45
N ILE A 67 19.05 -10.68 -20.49
CA ILE A 67 17.73 -10.87 -19.86
C ILE A 67 17.88 -11.98 -18.83
N SER A 68 17.43 -11.72 -17.60
CA SER A 68 17.58 -12.71 -16.54
C SER A 68 16.41 -12.64 -15.57
N SER A 69 16.08 -13.82 -15.03
CA SER A 69 15.14 -14.04 -13.94
C SER A 69 15.98 -14.57 -12.78
N GLY A 70 16.27 -13.72 -11.81
CA GLY A 70 17.26 -14.11 -10.83
C GLY A 70 18.59 -14.36 -11.50
N ASN A 71 19.20 -15.53 -11.26
CA ASN A 71 20.44 -15.89 -11.92
C ASN A 71 20.22 -16.84 -13.09
N VAL A 72 19.00 -16.92 -13.62
CA VAL A 72 18.69 -17.70 -14.82
C VAL A 72 18.67 -16.76 -16.02
N PHE A 73 19.53 -17.00 -17.00
CA PHE A 73 19.64 -16.12 -18.16
C PHE A 73 18.85 -16.69 -19.32
N LEU A 74 18.13 -15.81 -20.01
CA LEU A 74 17.23 -16.20 -21.07
C LEU A 74 17.85 -15.84 -22.41
N GLY A 75 17.76 -16.76 -23.36
CA GLY A 75 18.28 -16.53 -24.70
C GLY A 75 17.24 -15.81 -25.54
N VAL A 76 17.70 -14.83 -26.31
CA VAL A 76 16.81 -14.03 -27.15
C VAL A 76 16.71 -14.64 -28.54
N VAL A 77 15.49 -14.95 -28.96
CA VAL A 77 15.22 -15.55 -30.27
C VAL A 77 14.90 -14.48 -31.32
N GLY A 78 14.16 -13.44 -30.94
CA GLY A 78 13.83 -12.36 -31.87
C GLY A 78 13.14 -11.23 -31.15
N VAL A 79 13.01 -10.10 -31.83
CA VAL A 79 12.45 -8.89 -31.25
C VAL A 79 11.49 -8.27 -32.25
N THR A 80 10.30 -7.91 -31.79
CA THR A 80 9.27 -7.25 -32.58
C THR A 80 8.89 -5.95 -31.90
N MET A 81 8.60 -4.91 -32.67
CA MET A 81 8.06 -3.66 -32.13
C MET A 81 6.57 -3.86 -31.81
N ARG A 82 6.12 -3.31 -30.70
CA ARG A 82 4.71 -3.39 -30.28
C ARG A 82 4.38 -2.03 -29.68
N GLY A 83 4.07 -1.05 -30.52
CA GLY A 83 3.87 0.30 -30.00
C GLY A 83 5.10 0.82 -29.29
N ALA A 84 4.91 1.27 -28.04
CA ALA A 84 5.99 1.75 -27.20
C ALA A 84 6.69 0.63 -26.40
N LEU A 85 6.43 -0.61 -26.77
CA LEU A 85 7.05 -1.80 -26.19
C LEU A 85 7.85 -2.57 -27.22
N LEU A 86 8.81 -3.34 -26.73
CA LEU A 86 9.37 -4.47 -27.46
C LEU A 86 8.71 -5.76 -26.99
N GLN A 87 8.40 -6.63 -27.95
CA GLN A 87 7.98 -8.00 -27.74
C GLN A 87 9.19 -8.87 -28.04
N ILE A 88 9.79 -9.44 -27.02
CA ILE A 88 11.05 -10.17 -27.14
C ILE A 88 10.74 -11.65 -26.99
N LYS A 89 10.93 -12.42 -28.06
CA LYS A 89 10.76 -13.86 -27.97
C LYS A 89 12.02 -14.45 -27.34
N VAL A 90 11.83 -15.28 -26.31
CA VAL A 90 12.95 -15.88 -25.61
C VAL A 90 12.84 -17.40 -25.76
N ASN A 91 13.92 -18.08 -25.36
CA ASN A 91 14.04 -19.50 -25.64
C ASN A 91 13.46 -20.40 -24.56
N GLN A 92 12.89 -19.83 -23.50
CA GLN A 92 12.28 -20.60 -22.43
C GLN A 92 10.91 -20.08 -22.08
N ASN A 93 9.98 -21.00 -21.83
CA ASN A 93 8.67 -20.65 -21.29
C ASN A 93 8.74 -20.41 -19.78
N ASN A 94 8.10 -19.36 -19.30
CA ASN A 94 8.01 -19.13 -17.86
C ASN A 94 6.98 -20.09 -17.28
N VAL A 95 7.44 -21.13 -16.58
CA VAL A 95 6.48 -22.11 -16.07
C VAL A 95 5.55 -21.53 -15.00
N HIS A 96 5.91 -20.37 -14.44
CA HIS A 96 5.10 -19.73 -13.42
C HIS A 96 4.18 -18.67 -13.99
N THR A 97 3.98 -18.68 -15.29
CA THR A 97 3.05 -17.73 -15.92
C THR A 97 1.66 -17.95 -15.34
N PRO A 98 1.03 -16.93 -14.75
CA PRO A 98 -0.35 -17.09 -14.28
C PRO A 98 -1.35 -17.04 -15.43
N LYS A 99 -2.60 -17.40 -15.13
CA LYS A 99 -3.69 -17.05 -16.03
C LYS A 99 -3.78 -15.53 -16.08
N TYR A 100 -3.85 -14.97 -17.29
CA TYR A 100 -3.83 -13.51 -17.39
C TYR A 100 -4.61 -12.99 -18.59
N THR A 101 -4.96 -11.71 -18.48
CA THR A 101 -5.50 -10.93 -19.58
C THR A 101 -4.77 -9.59 -19.63
N TYR A 102 -5.00 -8.85 -20.70
CA TYR A 102 -4.65 -7.44 -20.80
C TYR A 102 -5.91 -6.60 -20.79
N ARG A 103 -5.84 -5.42 -20.16
CA ARG A 103 -6.93 -4.46 -20.24
C ARG A 103 -6.39 -3.04 -20.05
N THR A 104 -6.83 -2.12 -20.91
CA THR A 104 -6.49 -0.72 -20.78
C THR A 104 -7.41 -0.07 -19.76
N VAL A 105 -6.83 0.60 -18.76
CA VAL A 105 -7.66 1.24 -17.73
C VAL A 105 -8.17 2.58 -18.22
N ARG A 106 -9.23 3.03 -17.59
CA ARG A 106 -9.86 4.32 -17.85
C ARG A 106 -9.65 5.25 -16.68
N PRO A 107 -9.72 6.57 -16.89
CA PRO A 107 -9.63 7.53 -15.81
C PRO A 107 -10.60 7.22 -14.68
N GLY A 108 -10.10 7.31 -13.45
CA GLY A 108 -10.86 7.03 -12.26
C GLY A 108 -10.73 5.62 -11.73
N GLU A 109 -10.15 4.72 -12.51
CA GLU A 109 -10.04 3.32 -12.12
C GLU A 109 -8.75 3.08 -11.33
N SER A 110 -8.84 2.17 -10.37
CA SER A 110 -7.71 1.80 -9.53
C SER A 110 -7.02 0.53 -10.05
N PHE A 111 -5.71 0.46 -9.79
CA PHE A 111 -4.94 -0.73 -10.03
C PHE A 111 -3.72 -0.73 -9.12
N ASN A 112 -2.92 -1.78 -9.25
CA ASN A 112 -1.78 -2.04 -8.37
C ASN A 112 -0.48 -1.84 -9.13
N ILE A 113 0.48 -1.15 -8.56
CA ILE A 113 1.84 -1.06 -9.11
C ILE A 113 2.79 -1.93 -8.32
N LEU A 114 3.59 -2.74 -9.04
CA LEU A 114 4.72 -3.51 -8.49
C LEU A 114 5.98 -2.78 -8.94
N ALA A 115 6.54 -1.97 -8.04
CA ALA A 115 7.75 -1.21 -8.35
C ALA A 115 8.92 -2.16 -8.34
N CYS A 116 9.66 -2.21 -9.46
CA CYS A 116 10.76 -3.15 -9.68
C CYS A 116 12.04 -2.41 -10.04
N TYR A 117 13.17 -2.96 -9.57
CA TYR A 117 14.52 -2.50 -9.90
C TYR A 117 15.41 -3.72 -10.11
N ASP A 118 16.25 -3.65 -11.12
CA ASP A 118 17.17 -4.73 -11.42
C ASP A 118 16.46 -6.05 -11.62
N GLY A 119 15.23 -6.02 -12.16
CA GLY A 119 14.53 -7.25 -12.46
C GLY A 119 13.91 -7.93 -11.27
N ALA A 120 13.75 -7.21 -10.17
CA ALA A 120 13.16 -7.76 -8.95
C ALA A 120 12.21 -6.77 -8.30
N ALA A 121 11.07 -7.29 -7.82
CA ALA A 121 10.09 -6.45 -7.16
C ALA A 121 10.64 -5.90 -5.85
N ALA A 122 10.43 -4.59 -5.62
CA ALA A 122 10.87 -3.92 -4.41
C ALA A 122 9.72 -3.44 -3.54
N GLY A 123 8.57 -3.11 -4.12
CA GLY A 123 7.46 -2.55 -3.38
C GLY A 123 6.18 -2.69 -4.17
N VAL A 124 5.06 -2.68 -3.47
CA VAL A 124 3.74 -2.72 -4.11
C VAL A 124 2.81 -1.70 -3.47
N TYR A 125 2.06 -0.96 -4.31
CA TYR A 125 1.15 0.05 -3.81
C TYR A 125 0.03 0.25 -4.82
N GLY A 126 -1.09 0.74 -4.32
CA GLY A 126 -2.23 1.01 -5.19
C GLY A 126 -2.21 2.42 -5.73
N VAL A 127 -2.74 2.57 -6.96
CA VAL A 127 -2.85 3.86 -7.61
C VAL A 127 -4.26 4.00 -8.21
N ASN A 128 -4.51 5.20 -8.76
CA ASN A 128 -5.78 5.51 -9.42
C ASN A 128 -5.45 6.41 -10.61
N MET A 129 -5.96 6.07 -11.80
CA MET A 129 -5.61 6.77 -13.03
C MET A 129 -6.30 8.13 -13.07
N ARG A 130 -5.51 9.19 -13.16
CA ARG A 130 -6.03 10.56 -13.19
C ARG A 130 -6.69 10.86 -14.54
N SER A 131 -7.48 11.95 -14.54
CA SER A 131 -8.15 12.38 -15.76
C SER A 131 -7.17 12.83 -16.82
N ASN A 132 -5.95 13.22 -16.45
CA ASN A 132 -4.90 13.53 -17.42
C ASN A 132 -4.01 12.33 -17.73
N TYR A 133 -4.44 11.13 -17.35
CA TYR A 133 -3.82 9.87 -17.74
C TYR A 133 -2.42 9.71 -17.13
N THR A 134 -2.22 10.30 -15.96
CA THR A 134 -1.02 10.12 -15.17
C THR A 134 -1.41 9.45 -13.85
N ILE A 135 -0.41 8.86 -13.18
CA ILE A 135 -0.60 8.31 -11.85
C ILE A 135 0.35 8.98 -10.87
N ARG A 136 -0.05 8.92 -9.59
CA ARG A 136 0.72 9.49 -8.48
C ARG A 136 1.64 8.40 -7.96
N GLY A 137 2.78 8.24 -8.64
CA GLY A 137 3.68 7.15 -8.36
C GLY A 137 4.85 7.58 -7.49
N SER A 138 5.70 6.60 -7.20
CA SER A 138 7.01 6.82 -6.62
C SER A 138 7.95 5.90 -7.37
N PHE A 139 8.78 6.48 -8.21
CA PHE A 139 9.70 5.72 -9.04
C PHE A 139 10.99 6.51 -9.19
N ILE A 140 12.13 5.83 -9.15
CA ILE A 140 13.39 6.49 -9.46
C ILE A 140 14.06 5.75 -10.63
N ASN A 141 15.27 6.16 -10.99
CA ASN A 141 15.93 5.56 -12.13
C ASN A 141 16.03 4.05 -11.98
N GLY A 142 15.74 3.34 -13.08
CA GLY A 142 15.72 1.90 -13.09
C GLY A 142 14.35 1.26 -13.02
N ALA A 143 13.31 2.05 -12.78
CA ALA A 143 11.99 1.50 -12.56
C ALA A 143 11.21 1.20 -13.83
N CYS A 144 11.68 1.62 -14.99
CA CYS A 144 10.86 1.44 -16.18
C CYS A 144 10.58 -0.04 -16.40
N GLY A 145 9.40 -0.35 -16.91
CA GLY A 145 8.97 -1.71 -17.07
C GLY A 145 8.29 -2.30 -15.85
N SER A 146 8.21 -1.55 -14.75
CA SER A 146 7.42 -1.97 -13.60
C SER A 146 5.96 -2.14 -14.01
N PRO A 147 5.33 -3.25 -13.71
CA PRO A 147 3.96 -3.48 -14.15
C PRO A 147 2.87 -2.99 -13.21
N GLY A 148 1.73 -2.62 -13.82
CA GLY A 148 0.48 -2.44 -13.10
C GLY A 148 -0.52 -3.54 -13.41
N TYR A 149 -1.33 -3.91 -12.42
CA TYR A 149 -2.13 -5.12 -12.48
C TYR A 149 -3.36 -4.99 -11.59
N ASN A 150 -4.40 -5.77 -11.93
CA ASN A 150 -5.46 -6.14 -10.99
C ASN A 150 -5.57 -7.66 -10.98
N ILE A 151 -6.16 -8.22 -9.93
CA ILE A 151 -6.43 -9.65 -9.90
C ILE A 151 -7.93 -9.85 -9.71
N ASN A 152 -8.56 -10.59 -10.64
CA ASN A 152 -10.00 -10.86 -10.57
C ASN A 152 -10.22 -12.36 -10.69
N ASN A 153 -10.73 -12.98 -9.62
CA ASN A 153 -11.02 -14.42 -9.61
C ASN A 153 -9.80 -15.24 -10.03
N GLY A 154 -8.64 -14.89 -9.47
CA GLY A 154 -7.41 -15.58 -9.78
C GLY A 154 -6.80 -15.30 -11.14
N THR A 155 -7.42 -14.47 -11.98
CA THR A 155 -6.83 -14.07 -13.25
C THR A 155 -6.16 -12.71 -13.12
N VAL A 156 -4.91 -12.62 -13.56
CA VAL A 156 -4.17 -11.37 -13.50
C VAL A 156 -4.51 -10.54 -14.74
N GLU A 157 -4.96 -9.33 -14.52
CA GLU A 157 -5.22 -8.37 -15.59
C GLU A 157 -4.10 -7.32 -15.59
N PHE A 158 -3.23 -7.37 -16.61
CA PHE A 158 -2.13 -6.43 -16.72
C PHE A 158 -2.59 -5.18 -17.47
N CYS A 159 -2.36 -4.02 -16.88
CA CYS A 159 -2.83 -2.78 -17.49
C CYS A 159 -1.80 -1.68 -17.66
N TYR A 160 -0.54 -1.87 -17.27
CA TYR A 160 0.40 -0.77 -17.27
C TYR A 160 1.82 -1.32 -17.27
N LEU A 161 2.70 -0.72 -18.05
CA LEU A 161 4.14 -0.88 -17.89
C LEU A 161 4.78 0.50 -17.83
N HIS A 162 5.58 0.75 -16.79
CA HIS A 162 6.04 2.11 -16.52
C HIS A 162 7.01 2.62 -17.58
N GLN A 163 6.80 3.88 -18.01
CA GLN A 163 7.60 4.46 -19.10
C GLN A 163 8.33 5.74 -18.76
N LEU A 164 7.70 6.69 -18.05
CA LEU A 164 8.38 7.97 -17.88
C LEU A 164 7.74 8.82 -16.79
N GLU A 165 8.52 9.83 -16.38
CA GLU A 165 8.14 10.80 -15.36
C GLU A 165 8.07 12.18 -16.00
N LEU A 166 7.00 12.91 -15.73
CA LEU A 166 6.85 14.26 -16.27
C LEU A 166 7.45 15.28 -15.31
N GLY A 167 7.83 16.42 -15.87
CA GLY A 167 8.53 17.46 -15.12
C GLY A 167 8.04 17.72 -13.70
N SER A 168 6.73 17.60 -13.48
CA SER A 168 6.18 17.81 -12.15
C SER A 168 6.30 16.59 -11.25
N GLY A 169 6.80 15.47 -11.76
CA GLY A 169 6.94 14.27 -10.95
C GLY A 169 5.82 13.26 -11.05
N CYS A 170 4.79 13.49 -11.86
CA CYS A 170 3.78 12.47 -12.08
C CYS A 170 4.23 11.48 -13.16
N HIS A 171 3.54 10.35 -13.25
CA HIS A 171 4.08 9.19 -13.95
C HIS A 171 3.15 8.65 -15.04
N VAL A 172 3.78 8.19 -16.11
CA VAL A 172 3.07 7.74 -17.31
C VAL A 172 3.59 6.37 -17.70
N GLY A 173 2.65 5.51 -18.09
CA GLY A 173 2.97 4.20 -18.63
C GLY A 173 2.29 3.97 -19.96
N SER A 174 2.56 2.80 -20.53
CA SER A 174 1.76 2.28 -21.65
C SER A 174 0.93 1.10 -21.18
N ASP A 175 -0.13 0.81 -21.93
CA ASP A 175 -0.81 -0.47 -21.74
C ASP A 175 0.03 -1.57 -22.39
N LEU A 176 -0.41 -2.81 -22.24
CA LEU A 176 0.36 -3.93 -22.71
C LEU A 176 0.19 -4.17 -24.20
N ASP A 177 -0.73 -3.42 -24.84
CA ASP A 177 -0.80 -3.34 -26.30
C ASP A 177 0.28 -2.39 -26.87
N GLY A 178 1.01 -1.66 -26.02
CA GLY A 178 2.03 -0.70 -26.45
C GLY A 178 1.49 0.70 -26.64
N VAL A 179 0.26 0.97 -26.26
CA VAL A 179 -0.35 2.30 -26.42
C VAL A 179 -0.09 3.13 -25.17
N MET A 180 0.60 4.25 -25.34
CA MET A 180 0.88 5.12 -24.21
C MET A 180 -0.41 5.73 -23.64
N TYR A 181 -0.56 5.72 -22.31
CA TYR A 181 -1.69 6.39 -21.68
C TYR A 181 -1.63 7.90 -21.96
N GLY A 182 -2.78 8.47 -22.30
CA GLY A 182 -2.86 9.89 -22.54
C GLY A 182 -2.20 10.36 -23.82
N GLY A 183 -1.65 9.48 -24.63
CA GLY A 183 -0.95 9.89 -25.85
C GLY A 183 0.36 10.63 -25.64
N TYR A 184 0.89 10.66 -24.43
CA TYR A 184 2.24 11.13 -24.24
C TYR A 184 3.19 10.31 -25.10
N GLU A 185 4.31 10.92 -25.46
CA GLU A 185 5.33 10.27 -26.27
C GLU A 185 6.39 9.61 -25.40
N ASP A 186 6.88 8.45 -25.83
CA ASP A 186 8.04 7.83 -25.19
C ASP A 186 9.31 8.38 -25.84
N GLN A 187 9.49 9.69 -25.62
CA GLN A 187 10.57 10.50 -26.15
C GLN A 187 11.11 11.37 -25.05
N PRO A 188 12.41 11.74 -25.12
CA PRO A 188 13.04 12.51 -24.04
C PRO A 188 12.73 14.00 -24.10
N THR A 189 12.03 14.45 -25.14
CA THR A 189 11.73 15.86 -25.31
C THR A 189 10.78 16.35 -24.22
N LEU A 190 10.61 17.67 -24.18
CA LEU A 190 9.78 18.34 -23.18
C LEU A 190 8.31 17.96 -23.31
N GLN A 191 7.73 17.50 -22.20
CA GLN A 191 6.29 17.22 -22.13
C GLN A 191 5.76 17.68 -20.79
N VAL A 192 4.55 18.24 -20.79
CA VAL A 192 3.91 18.67 -19.55
C VAL A 192 2.57 17.97 -19.41
N GLU A 193 2.21 17.64 -18.16
CA GLU A 193 0.95 16.97 -17.92
C GLU A 193 -0.22 17.90 -18.22
N GLY A 194 -1.29 17.31 -18.72
CA GLY A 194 -2.52 18.03 -18.94
C GLY A 194 -3.22 18.41 -17.64
N ALA A 195 -4.24 19.25 -17.79
CA ALA A 195 -5.05 19.65 -16.65
C ALA A 195 -5.67 18.42 -16.00
N SER A 196 -5.81 18.47 -14.69
CA SER A 196 -6.35 17.37 -13.90
C SER A 196 -7.54 17.87 -13.08
N SER A 197 -8.56 17.02 -12.95
CA SER A 197 -9.71 17.31 -12.11
C SER A 197 -9.95 16.16 -11.15
N LEU A 198 -10.41 16.49 -9.96
CA LEU A 198 -10.76 15.48 -8.97
C LEU A 198 -11.95 14.68 -9.48
N PHE A 199 -11.85 13.36 -9.34
CA PHE A 199 -12.86 12.42 -9.81
C PHE A 199 -13.99 12.37 -8.79
N THR A 200 -15.09 13.07 -9.07
CA THR A 200 -16.13 13.26 -8.06
C THR A 200 -16.72 11.94 -7.59
N GLU A 201 -16.93 10.97 -8.48
CA GLU A 201 -17.51 9.71 -8.01
C GLU A 201 -16.62 9.03 -6.98
N ASN A 202 -15.31 9.18 -7.09
CA ASN A 202 -14.41 8.62 -6.09
C ASN A 202 -14.44 9.42 -4.80
N VAL A 203 -14.56 10.74 -4.87
CA VAL A 203 -14.69 11.54 -3.65
C VAL A 203 -15.94 11.13 -2.89
N LEU A 204 -17.03 10.86 -3.61
CA LEU A 204 -18.25 10.39 -2.99
C LEU A 204 -18.01 9.06 -2.28
N ALA A 205 -17.33 8.11 -2.94
CA ALA A 205 -17.03 6.84 -2.32
C ALA A 205 -16.27 7.06 -1.01
N PHE A 206 -15.29 7.95 -1.01
CA PHE A 206 -14.53 8.24 0.20
C PHE A 206 -15.43 8.77 1.31
N LEU A 207 -16.36 9.69 0.98
CA LEU A 207 -17.23 10.20 2.04
C LEU A 207 -18.19 9.13 2.58
N TYR A 208 -18.67 8.21 1.74
CA TYR A 208 -19.44 7.09 2.25
C TYR A 208 -18.60 6.23 3.21
N ALA A 209 -17.34 5.94 2.85
CA ALA A 209 -16.45 5.22 3.77
C ALA A 209 -16.31 5.96 5.09
N ALA A 210 -16.22 7.29 5.03
CA ALA A 210 -16.08 8.10 6.24
C ALA A 210 -17.30 7.93 7.13
N LEU A 211 -18.50 7.96 6.53
CA LEU A 211 -19.73 7.76 7.29
C LEU A 211 -19.78 6.37 7.93
N ILE A 212 -19.39 5.33 7.19
CA ILE A 212 -19.41 3.97 7.72
C ILE A 212 -18.43 3.85 8.87
N ASN A 213 -17.37 4.66 8.88
CA ASN A 213 -16.39 4.66 9.97
C ASN A 213 -16.70 5.71 11.04
N GLY A 214 -17.92 6.22 11.06
CA GLY A 214 -18.32 7.11 12.14
C GLY A 214 -17.88 8.56 12.03
N SER A 215 -17.40 9.02 10.88
CA SER A 215 -17.02 10.41 10.68
C SER A 215 -18.19 11.14 10.00
N THR A 216 -18.84 12.05 10.75
CA THR A 216 -20.07 12.66 10.28
C THR A 216 -20.13 14.17 10.50
N TRP A 217 -19.09 14.77 11.09
CA TRP A 217 -19.14 16.18 11.48
C TRP A 217 -19.38 17.09 10.29
N TRP A 218 -18.90 16.69 9.10
CA TRP A 218 -18.92 17.47 7.88
C TRP A 218 -20.22 17.32 7.09
N LEU A 219 -21.13 16.46 7.53
CA LEU A 219 -22.27 16.11 6.69
C LEU A 219 -23.31 17.23 6.68
N SER A 220 -23.64 17.69 5.50
CA SER A 220 -24.63 18.74 5.34
C SER A 220 -26.03 18.24 5.67
N SER A 221 -26.85 19.10 6.28
CA SER A 221 -28.28 18.85 6.21
C SER A 221 -28.80 19.25 4.84
N SER A 222 -28.14 20.22 4.21
CA SER A 222 -28.56 20.69 2.90
C SER A 222 -28.16 19.69 1.82
N ARG A 223 -28.63 19.96 0.61
CA ARG A 223 -28.36 19.08 -0.51
C ARG A 223 -28.30 19.93 -1.77
N ILE A 224 -27.89 19.29 -2.86
CA ILE A 224 -27.75 19.95 -4.15
C ILE A 224 -28.00 18.90 -5.23
N ALA A 225 -28.83 19.26 -6.21
CA ALA A 225 -29.11 18.35 -7.30
C ALA A 225 -27.86 18.10 -8.13
N VAL A 226 -27.80 16.93 -8.74
CA VAL A 226 -26.66 16.56 -9.58
C VAL A 226 -26.48 17.58 -10.68
N ASP A 227 -27.60 18.08 -11.21
CA ASP A 227 -27.60 19.11 -12.26
C ASP A 227 -26.83 20.35 -11.82
N ARG A 228 -27.25 20.90 -10.69
CA ARG A 228 -26.68 22.11 -10.15
C ARG A 228 -25.23 21.89 -9.76
N PHE A 229 -24.94 20.73 -9.14
CA PHE A 229 -23.57 20.45 -8.76
C PHE A 229 -22.66 20.43 -9.98
N ASN A 230 -23.09 19.81 -11.07
CA ASN A 230 -22.24 19.69 -12.26
C ASN A 230 -21.91 21.04 -12.87
N GLU A 231 -22.78 22.04 -12.72
CA GLU A 231 -22.44 23.38 -13.19
C GLU A 231 -21.29 23.97 -12.37
N TRP A 232 -21.32 23.76 -11.05
CA TRP A 232 -20.26 24.23 -10.17
C TRP A 232 -18.96 23.48 -10.41
N ALA A 233 -19.06 22.17 -10.66
CA ALA A 233 -17.88 21.32 -10.73
C ALA A 233 -16.91 21.78 -11.82
N VAL A 234 -17.42 22.14 -12.99
CA VAL A 234 -16.55 22.44 -14.13
C VAL A 234 -15.85 23.79 -14.00
N HIS A 235 -16.24 24.61 -13.02
CA HIS A 235 -15.52 25.83 -12.68
C HIS A 235 -14.67 25.65 -11.43
N ASN A 236 -14.62 24.44 -10.85
CA ASN A 236 -14.01 24.24 -9.54
C ASN A 236 -13.14 22.99 -9.48
N GLY A 237 -12.67 22.51 -10.63
CA GLY A 237 -11.66 21.46 -10.66
C GLY A 237 -12.15 20.08 -10.35
N MET A 238 -13.41 19.78 -10.59
CA MET A 238 -13.97 18.48 -10.30
C MET A 238 -14.74 17.97 -11.50
N THR A 239 -14.87 16.65 -11.60
CA THR A 239 -15.59 16.06 -12.71
C THR A 239 -17.10 16.09 -12.45
N THR A 240 -17.86 16.02 -13.54
CA THR A 240 -19.31 15.95 -13.44
C THR A 240 -19.74 14.55 -13.00
N VAL A 241 -20.89 14.49 -12.35
CA VAL A 241 -21.47 13.21 -11.94
C VAL A 241 -22.51 12.83 -12.98
N VAL A 242 -22.40 11.60 -13.51
CA VAL A 242 -23.48 11.06 -14.34
C VAL A 242 -23.94 9.69 -13.83
N ASN A 243 -23.03 8.85 -13.34
CA ASN A 243 -23.41 7.54 -12.80
C ASN A 243 -23.64 7.66 -11.29
N THR A 244 -24.89 7.56 -10.84
CA THR A 244 -25.19 7.46 -9.42
C THR A 244 -25.66 6.06 -9.00
N ASP A 245 -25.81 5.13 -9.95
CA ASP A 245 -26.21 3.78 -9.59
C ASP A 245 -25.15 3.09 -8.73
N CYS A 246 -23.88 3.47 -8.89
CA CYS A 246 -22.81 2.85 -8.13
C CYS A 246 -22.86 3.21 -6.65
N PHE A 247 -23.80 4.07 -6.22
CA PHE A 247 -23.92 4.43 -4.81
C PHE A 247 -25.14 3.82 -4.14
N SER A 248 -25.92 3.00 -4.84
CA SER A 248 -27.16 2.49 -4.26
C SER A 248 -26.90 1.70 -2.98
N ILE A 249 -25.90 0.81 -3.00
CA ILE A 249 -25.62 0.01 -1.82
C ILE A 249 -25.12 0.90 -0.69
N LEU A 250 -24.21 1.83 -0.99
CA LEU A 250 -23.63 2.67 0.05
C LEU A 250 -24.69 3.61 0.64
N ALA A 251 -25.58 4.15 -0.20
CA ALA A 251 -26.64 5.02 0.33
C ALA A 251 -27.62 4.25 1.21
N ALA A 252 -27.88 2.98 0.89
CA ALA A 252 -28.75 2.17 1.73
C ALA A 252 -28.06 1.79 3.04
N LYS A 253 -26.76 1.48 2.98
CA LYS A 253 -26.05 1.12 4.21
C LYS A 253 -25.96 2.28 5.19
N THR A 254 -25.91 3.51 4.69
CA THR A 254 -25.70 4.67 5.53
C THR A 254 -26.96 5.49 5.74
N GLY A 255 -27.94 5.38 4.86
CA GLY A 255 -29.08 6.27 4.90
C GLY A 255 -28.84 7.67 4.38
N VAL A 256 -27.72 7.90 3.69
CA VAL A 256 -27.35 9.23 3.22
C VAL A 256 -27.34 9.25 1.70
N ASP A 257 -28.13 10.12 1.09
CA ASP A 257 -28.16 10.09 -0.36
C ASP A 257 -27.10 11.02 -0.96
N VAL A 258 -26.85 10.81 -2.24
CA VAL A 258 -25.75 11.47 -2.95
C VAL A 258 -25.87 12.99 -2.88
N GLN A 259 -27.09 13.52 -2.98
CA GLN A 259 -27.24 14.97 -3.03
C GLN A 259 -26.73 15.66 -1.76
N ARG A 260 -26.85 15.01 -0.60
CA ARG A 260 -26.30 15.59 0.62
C ARG A 260 -24.79 15.57 0.60
N LEU A 261 -24.20 14.49 0.05
CA LEU A 261 -22.75 14.43 -0.07
C LEU A 261 -22.21 15.46 -1.02
N LEU A 262 -22.94 15.74 -2.10
CA LEU A 262 -22.50 16.75 -3.06
C LEU A 262 -22.45 18.13 -2.42
N ALA A 263 -23.43 18.45 -1.56
CA ALA A 263 -23.37 19.72 -0.84
C ALA A 263 -22.18 19.75 0.11
N SER A 264 -21.88 18.60 0.73
CA SER A 264 -20.74 18.56 1.63
C SER A 264 -19.44 18.79 0.87
N ILE A 265 -19.32 18.22 -0.33
CA ILE A 265 -18.12 18.41 -1.14
C ILE A 265 -17.86 19.89 -1.40
N GLN A 266 -18.92 20.63 -1.72
CA GLN A 266 -18.76 22.06 -1.94
C GLN A 266 -18.19 22.75 -0.72
N SER A 267 -18.71 22.41 0.47
CA SER A 267 -18.23 23.02 1.71
C SER A 267 -16.79 22.63 2.01
N LEU A 268 -16.41 21.40 1.68
CA LEU A 268 -15.09 20.88 2.01
C LEU A 268 -14.05 21.11 0.91
N HIS A 269 -14.47 21.56 -0.25
CA HIS A 269 -13.54 21.65 -1.37
C HIS A 269 -12.44 22.65 -1.13
N LYS A 270 -12.67 23.69 -0.31
CA LYS A 270 -11.59 24.64 -0.09
C LYS A 270 -10.72 24.16 1.05
N ASN A 271 -11.30 23.92 2.25
CA ASN A 271 -10.51 23.22 3.24
C ASN A 271 -11.38 22.51 4.27
N PHE A 272 -10.72 21.71 5.12
CA PHE A 272 -11.44 21.04 6.21
C PHE A 272 -11.49 21.88 7.49
N GLY A 273 -11.07 23.14 7.43
CA GLY A 273 -11.20 24.05 8.56
C GLY A 273 -10.36 23.67 9.74
N GLY A 274 -9.35 22.82 9.55
CA GLY A 274 -8.49 22.36 10.63
C GLY A 274 -8.82 21.00 11.16
N LYS A 275 -9.87 20.37 10.66
CA LYS A 275 -10.28 19.04 11.07
C LYS A 275 -9.78 17.99 10.06
N GLN A 276 -10.06 16.73 10.34
CA GLN A 276 -9.63 15.62 9.50
C GLN A 276 -10.80 14.69 9.21
N ILE A 277 -10.73 13.99 8.09
CA ILE A 277 -11.66 12.93 7.75
C ILE A 277 -10.81 11.70 7.46
N LEU A 278 -10.90 10.67 8.30
CA LEU A 278 -10.11 9.45 8.13
C LEU A 278 -8.63 9.77 7.96
N GLY A 279 -8.18 10.83 8.63
CA GLY A 279 -6.79 11.25 8.59
C GLY A 279 -6.45 12.25 7.52
N TYR A 280 -7.32 12.46 6.55
CA TYR A 280 -7.07 13.41 5.47
C TYR A 280 -7.48 14.81 5.89
N THR A 281 -6.78 15.80 5.35
CA THR A 281 -7.09 17.21 5.53
C THR A 281 -7.56 17.87 4.23
N SER A 282 -7.73 17.08 3.17
CA SER A 282 -8.27 17.54 1.91
C SER A 282 -8.94 16.35 1.24
N LEU A 283 -9.88 16.64 0.33
CA LEU A 283 -10.62 15.58 -0.32
C LEU A 283 -9.70 14.69 -1.14
N THR A 284 -9.97 13.39 -1.11
CA THR A 284 -9.25 12.42 -1.93
C THR A 284 -10.15 11.76 -2.96
N ASP A 285 -9.61 11.54 -4.17
CA ASP A 285 -10.31 10.80 -5.21
C ASP A 285 -9.61 9.48 -5.55
N GLU A 286 -8.78 8.95 -4.64
CA GLU A 286 -8.03 7.73 -4.96
C GLU A 286 -8.80 6.43 -4.74
N PHE A 287 -9.96 6.47 -4.08
CA PHE A 287 -10.72 5.27 -3.76
C PHE A 287 -11.98 5.18 -4.63
N THR A 288 -12.19 4.03 -5.22
CA THR A 288 -13.40 3.78 -5.98
C THR A 288 -14.51 3.21 -5.10
N THR A 289 -15.75 3.24 -5.60
CA THR A 289 -16.83 2.61 -4.86
C THR A 289 -16.54 1.13 -4.66
N GLY A 290 -15.91 0.46 -5.63
CA GLY A 290 -15.62 -0.96 -5.49
C GLY A 290 -14.64 -1.25 -4.37
N GLU A 291 -13.56 -0.46 -4.27
CA GLU A 291 -12.62 -0.62 -3.17
C GLU A 291 -13.30 -0.40 -1.83
N VAL A 292 -14.10 0.66 -1.72
CA VAL A 292 -14.78 0.94 -0.46
C VAL A 292 -15.70 -0.21 -0.07
N ILE A 293 -16.55 -0.69 -0.99
CA ILE A 293 -17.47 -1.77 -0.64
C ILE A 293 -16.68 -3.01 -0.20
N ARG A 294 -15.59 -3.31 -0.88
CA ARG A 294 -14.76 -4.46 -0.51
C ARG A 294 -14.18 -4.31 0.89
N GLN A 295 -13.64 -3.14 1.21
CA GLN A 295 -13.00 -2.97 2.50
C GLN A 295 -14.00 -2.87 3.65
N MET A 296 -15.22 -2.42 3.38
CA MET A 296 -16.20 -2.28 4.45
C MET A 296 -16.97 -3.58 4.68
N TYR A 297 -17.27 -4.33 3.61
CA TYR A 297 -18.18 -5.46 3.69
C TYR A 297 -17.60 -6.78 3.18
N GLY A 298 -16.45 -6.75 2.51
CA GLY A 298 -15.87 -7.97 1.95
C GLY A 298 -16.57 -8.31 0.65
N VAL A 299 -16.21 -9.47 0.10
CA VAL A 299 -17.02 -10.08 -0.96
C VAL A 299 -16.69 -11.54 -1.03
N ALA B 1 11.08 10.39 -8.65
CA ALA B 1 10.37 11.38 -7.78
C ALA B 1 9.10 10.74 -7.25
N GLY B 2 8.55 11.35 -6.22
CA GLY B 2 7.35 10.89 -5.56
C GLY B 2 7.66 10.27 -4.22
N LEU B 3 6.59 10.09 -3.45
CA LEU B 3 6.65 9.39 -2.17
C LEU B 3 5.33 8.66 -1.98
N ARG B 4 5.40 7.33 -1.81
CA ARG B 4 4.21 6.53 -1.56
C ARG B 4 4.46 5.57 -0.41
N LYS B 5 3.43 5.32 0.39
CA LYS B 5 3.54 4.31 1.43
C LYS B 5 3.38 2.94 0.77
N MET B 6 4.43 2.15 0.74
CA MET B 6 4.42 0.91 -0.02
C MET B 6 4.50 -0.27 0.93
N ALA B 7 4.10 -1.43 0.43
CA ALA B 7 4.38 -2.69 1.09
C ALA B 7 5.53 -3.39 0.37
N GLN B 8 6.30 -4.17 1.13
CA GLN B 8 7.26 -5.08 0.52
C GLN B 8 6.50 -6.23 -0.14
N PRO B 9 7.01 -6.80 -1.24
CA PRO B 9 6.24 -7.82 -1.96
C PRO B 9 5.86 -9.00 -1.07
N SER B 10 4.64 -9.50 -1.22
CA SER B 10 4.06 -10.44 -0.27
C SER B 10 4.22 -11.92 -0.65
N GLY B 11 4.80 -12.24 -1.80
CA GLY B 11 4.74 -13.62 -2.29
C GLY B 11 5.25 -14.65 -1.29
N VAL B 12 6.39 -14.37 -0.65
CA VAL B 12 7.01 -15.32 0.27
C VAL B 12 6.14 -15.57 1.49
N VAL B 13 5.25 -14.64 1.84
CA VAL B 13 4.36 -14.84 2.99
C VAL B 13 3.05 -15.51 2.60
N GLU B 14 2.60 -15.30 1.37
CA GLU B 14 1.29 -15.79 0.95
C GLU B 14 1.17 -17.30 1.11
N LYS B 15 2.23 -18.05 0.84
CA LYS B 15 2.18 -19.50 0.89
C LYS B 15 2.22 -20.05 2.31
N CYS B 16 2.21 -19.18 3.30
CA CYS B 16 2.23 -19.56 4.71
C CYS B 16 0.90 -19.37 5.42
N ILE B 17 -0.12 -18.90 4.73
CA ILE B 17 -1.42 -18.62 5.32
C ILE B 17 -2.28 -19.87 5.26
N VAL B 18 -2.89 -20.20 6.41
CA VAL B 18 -3.92 -21.25 6.48
C VAL B 18 -5.18 -20.71 7.12
N ARG B 19 -6.28 -21.45 6.90
CA ARG B 19 -7.55 -21.25 7.57
C ARG B 19 -7.58 -22.12 8.82
N VAL B 20 -7.92 -21.53 9.96
CA VAL B 20 -8.02 -22.26 11.22
C VAL B 20 -9.43 -22.08 11.77
N CYS B 21 -10.17 -23.18 11.87
CA CYS B 21 -11.54 -23.17 12.40
C CYS B 21 -11.59 -24.02 13.67
N TYR B 22 -12.39 -23.56 14.63
CA TYR B 22 -12.70 -24.34 15.82
C TYR B 22 -14.10 -23.95 16.25
N GLY B 23 -15.00 -24.92 16.36
CA GLY B 23 -16.36 -24.61 16.77
C GLY B 23 -16.98 -23.62 15.82
N ASN B 24 -17.46 -22.50 16.38
CA ASN B 24 -18.11 -21.46 15.59
C ASN B 24 -17.15 -20.36 15.13
N MET B 25 -15.87 -20.46 15.45
CA MET B 25 -14.91 -19.42 15.11
C MET B 25 -14.06 -19.84 13.92
N ALA B 26 -13.74 -18.87 13.08
CA ALA B 26 -12.86 -19.13 11.95
C ALA B 26 -11.96 -17.92 11.83
N LEU B 27 -10.67 -18.17 11.71
CA LEU B 27 -9.74 -17.09 11.49
C LEU B 27 -8.56 -17.63 10.70
N ASN B 28 -7.45 -16.90 10.68
CA ASN B 28 -6.28 -17.27 9.92
C ASN B 28 -5.13 -17.71 10.84
N GLY B 29 -4.28 -18.59 10.31
CA GLY B 29 -3.07 -19.01 10.97
C GLY B 29 -1.87 -18.89 10.06
N LEU B 30 -0.69 -18.96 10.69
CA LEU B 30 0.61 -18.86 10.04
C LEU B 30 1.32 -20.20 10.17
N TRP B 31 1.51 -20.87 9.02
CA TRP B 31 2.05 -22.24 8.97
C TRP B 31 3.52 -22.17 8.58
N LEU B 32 4.38 -22.46 9.53
CA LEU B 32 5.82 -22.45 9.36
C LEU B 32 6.34 -23.78 9.87
N GLY B 33 7.11 -24.47 9.04
CA GLY B 33 7.56 -25.82 9.40
C GLY B 33 6.34 -26.67 9.67
N ASP B 34 6.34 -27.37 10.82
CA ASP B 34 5.20 -28.20 11.18
C ASP B 34 4.37 -27.59 12.29
N THR B 35 4.32 -26.25 12.37
CA THR B 35 3.48 -25.58 13.35
C THR B 35 2.63 -24.50 12.71
N VAL B 36 1.42 -24.35 13.23
CA VAL B 36 0.53 -23.26 12.87
C VAL B 36 0.33 -22.38 14.10
N MET B 37 0.58 -21.07 13.95
CA MET B 37 0.33 -20.13 15.02
C MET B 37 -0.94 -19.36 14.74
N CYS B 38 -1.78 -19.13 15.73
CA CYS B 38 -3.01 -18.39 15.52
C CYS B 38 -3.47 -17.77 16.83
N PRO B 39 -4.25 -16.70 16.78
CA PRO B 39 -4.80 -16.13 18.03
C PRO B 39 -5.62 -17.15 18.83
N ARG B 40 -5.43 -17.15 20.16
CA ARG B 40 -6.08 -18.16 20.96
C ARG B 40 -7.58 -17.92 21.08
N HIS B 41 -8.10 -16.76 20.70
CA HIS B 41 -9.54 -16.63 20.87
C HIS B 41 -10.34 -17.50 19.89
N VAL B 42 -9.67 -18.22 18.98
CA VAL B 42 -10.38 -19.20 18.16
C VAL B 42 -10.98 -20.33 18.97
N ILE B 43 -10.48 -20.59 20.18
CA ILE B 43 -11.03 -21.66 21.01
C ILE B 43 -11.99 -21.14 22.08
N ALA B 44 -12.24 -19.84 22.11
CA ALA B 44 -13.13 -19.27 23.11
C ALA B 44 -14.58 -19.44 22.72
N SER B 45 -15.44 -19.53 23.74
CA SER B 45 -16.86 -19.52 23.51
C SER B 45 -17.37 -18.09 23.34
N SER B 46 -18.56 -17.97 22.76
CA SER B 46 -19.20 -16.67 22.59
C SER B 46 -19.59 -16.11 23.95
N THR B 47 -19.13 -14.89 24.25
CA THR B 47 -19.52 -14.21 25.48
C THR B 47 -18.92 -12.81 25.51
N THR B 48 -19.68 -11.83 26.02
CA THR B 48 -19.16 -10.50 26.28
C THR B 48 -18.43 -10.41 27.61
N SER B 49 -18.51 -11.46 28.44
CA SER B 49 -17.80 -11.53 29.71
C SER B 49 -16.39 -12.05 29.48
N THR B 50 -15.64 -12.21 30.57
CA THR B 50 -14.24 -12.58 30.45
C THR B 50 -14.07 -14.06 30.12
N ILE B 51 -13.02 -14.36 29.37
CA ILE B 51 -12.67 -15.71 28.95
C ILE B 51 -11.56 -16.23 29.83
N ASP B 52 -11.73 -17.44 30.38
CA ASP B 52 -10.65 -18.19 31.04
C ASP B 52 -10.04 -19.10 29.97
N TYR B 53 -8.94 -18.65 29.37
CA TYR B 53 -8.37 -19.41 28.27
C TYR B 53 -7.76 -20.73 28.71
N ASP B 54 -7.30 -20.85 29.96
CA ASP B 54 -6.80 -22.15 30.42
C ASP B 54 -7.92 -23.17 30.52
N TYR B 55 -9.10 -22.71 30.93
CA TYR B 55 -10.28 -23.56 30.93
C TYR B 55 -10.63 -23.98 29.51
N ALA B 56 -10.67 -23.02 28.58
CA ALA B 56 -10.98 -23.35 27.19
C ALA B 56 -10.01 -24.39 26.63
N LEU B 57 -8.73 -24.28 26.95
CA LEU B 57 -7.78 -25.26 26.48
C LEU B 57 -7.99 -26.61 27.16
N SER B 58 -8.45 -26.60 28.43
CA SER B 58 -8.62 -27.85 29.16
C SER B 58 -9.76 -28.69 28.62
N VAL B 59 -10.75 -28.09 27.98
CA VAL B 59 -11.87 -28.84 27.40
C VAL B 59 -11.75 -29.03 25.89
N LEU B 60 -10.68 -28.54 25.29
CA LEU B 60 -10.53 -28.65 23.85
C LEU B 60 -10.33 -30.08 23.39
N ARG B 61 -10.86 -30.38 22.21
CA ARG B 61 -10.68 -31.68 21.57
C ARG B 61 -10.00 -31.44 20.21
N LEU B 62 -8.88 -32.10 19.99
CA LEU B 62 -8.07 -31.77 18.83
C LEU B 62 -8.83 -32.02 17.54
N HIS B 63 -9.71 -33.03 17.53
CA HIS B 63 -10.44 -33.34 16.30
C HIS B 63 -11.46 -32.27 15.94
N ASN B 64 -11.69 -31.30 16.81
CA ASN B 64 -12.62 -30.22 16.48
C ASN B 64 -11.96 -29.10 15.69
N PHE B 65 -10.64 -29.07 15.61
CA PHE B 65 -9.97 -28.14 14.70
C PHE B 65 -10.20 -28.56 13.25
N SER B 66 -10.30 -27.57 12.38
CA SER B 66 -10.25 -27.77 10.94
C SER B 66 -9.24 -26.77 10.40
N ILE B 67 -8.08 -27.25 9.96
CA ILE B 67 -7.02 -26.39 9.45
C ILE B 67 -6.74 -26.77 8.00
N SER B 68 -6.74 -25.77 7.12
CA SER B 68 -6.58 -26.07 5.70
C SER B 68 -5.72 -25.04 5.00
N SER B 69 -4.91 -25.52 4.06
CA SER B 69 -4.15 -24.72 3.12
C SER B 69 -4.84 -24.92 1.77
N GLY B 70 -5.67 -23.98 1.37
CA GLY B 70 -6.53 -24.23 0.22
C GLY B 70 -7.50 -25.34 0.55
N ASN B 71 -7.52 -26.39 -0.28
CA ASN B 71 -8.40 -27.53 -0.05
C ASN B 71 -7.68 -28.72 0.56
N VAL B 72 -6.44 -28.52 1.02
CA VAL B 72 -5.66 -29.54 1.71
C VAL B 72 -5.82 -29.35 3.21
N PHE B 73 -6.33 -30.37 3.90
CA PHE B 73 -6.54 -30.27 5.34
C PHE B 73 -5.35 -30.86 6.09
N LEU B 74 -4.96 -30.20 7.17
CA LEU B 74 -3.81 -30.60 7.95
C LEU B 74 -4.27 -31.30 9.22
N GLY B 75 -3.61 -32.40 9.57
CA GLY B 75 -3.94 -33.09 10.78
C GLY B 75 -3.27 -32.47 12.00
N VAL B 76 -4.05 -32.35 13.07
CA VAL B 76 -3.59 -31.70 14.30
C VAL B 76 -3.06 -32.73 15.28
N VAL B 77 -1.84 -32.51 15.74
CA VAL B 77 -1.13 -33.43 16.62
C VAL B 77 -1.10 -32.96 18.07
N GLY B 78 -1.12 -31.64 18.28
CA GLY B 78 -1.01 -31.12 19.62
C GLY B 78 -1.20 -29.62 19.60
N VAL B 79 -1.42 -29.07 20.78
CA VAL B 79 -1.65 -27.64 20.98
C VAL B 79 -1.00 -27.20 22.27
N THR B 80 -0.32 -26.06 22.22
CA THR B 80 0.36 -25.39 23.32
C THR B 80 -0.08 -23.94 23.39
N MET B 81 -0.34 -23.43 24.58
CA MET B 81 -0.56 -22.01 24.84
C MET B 81 0.74 -21.23 24.71
N ARG B 82 0.67 -20.07 24.04
CA ARG B 82 1.83 -19.22 23.85
C ARG B 82 1.35 -17.77 24.01
N GLY B 83 1.23 -17.31 25.24
CA GLY B 83 0.66 -15.99 25.44
C GLY B 83 -0.73 -15.92 24.84
N ALA B 84 -0.96 -14.86 24.02
CA ALA B 84 -2.24 -14.69 23.35
C ALA B 84 -2.34 -15.50 22.05
N LEU B 85 -1.44 -16.45 21.83
CA LEU B 85 -1.47 -17.33 20.68
C LEU B 85 -1.58 -18.79 21.10
N LEU B 86 -2.03 -19.61 20.16
CA LEU B 86 -1.85 -21.06 20.18
C LEU B 86 -0.75 -21.47 19.21
N GLN B 87 0.09 -22.40 19.64
CA GLN B 87 1.07 -23.08 18.81
C GLN B 87 0.48 -24.45 18.54
N ILE B 88 0.05 -24.68 17.31
CA ILE B 88 -0.63 -25.91 16.93
C ILE B 88 0.34 -26.76 16.12
N LYS B 89 0.68 -27.95 16.62
CA LYS B 89 1.56 -28.86 15.91
C LYS B 89 0.72 -29.66 14.93
N VAL B 90 1.16 -29.71 13.66
CA VAL B 90 0.43 -30.39 12.60
C VAL B 90 1.31 -31.50 12.02
N ASN B 91 0.67 -32.40 11.27
CA ASN B 91 1.34 -33.59 10.79
C ASN B 91 2.05 -33.38 9.44
N GLN B 92 2.10 -32.15 8.95
CA GLN B 92 2.74 -31.88 7.67
C GLN B 92 3.62 -30.65 7.77
N ASN B 93 4.78 -30.73 7.14
CA ASN B 93 5.70 -29.61 7.06
C ASN B 93 5.32 -28.73 5.86
N ASN B 94 5.30 -27.41 6.07
CA ASN B 94 5.10 -26.48 4.96
C ASN B 94 6.36 -26.39 4.10
N VAL B 95 6.30 -26.96 2.89
CA VAL B 95 7.48 -26.97 2.03
C VAL B 95 7.85 -25.57 1.54
N HIS B 96 6.93 -24.62 1.64
CA HIS B 96 7.19 -23.24 1.25
C HIS B 96 7.60 -22.34 2.42
N THR B 97 8.01 -22.91 3.55
CA THR B 97 8.47 -22.09 4.67
C THR B 97 9.70 -21.28 4.27
N PRO B 98 9.69 -19.96 4.40
CA PRO B 98 10.90 -19.19 4.14
C PRO B 98 11.87 -19.22 5.31
N LYS B 99 13.08 -18.76 5.06
CA LYS B 99 13.96 -18.39 6.16
C LYS B 99 13.28 -17.26 6.91
N TYR B 100 13.18 -17.39 8.24
CA TYR B 100 12.41 -16.41 9.01
C TYR B 100 12.96 -16.25 10.42
N THR B 101 12.60 -15.11 11.00
CA THR B 101 12.85 -14.79 12.39
C THR B 101 11.56 -14.16 12.94
N TYR B 102 11.53 -14.01 14.26
CA TYR B 102 10.55 -13.17 14.93
C TYR B 102 11.23 -11.93 15.50
N ARG B 103 10.52 -10.80 15.50
CA ARG B 103 11.01 -9.60 16.14
C ARG B 103 9.82 -8.74 16.54
N THR B 104 9.86 -8.23 17.76
CA THR B 104 8.83 -7.33 18.28
C THR B 104 9.14 -5.90 17.83
N VAL B 105 8.16 -5.27 17.21
CA VAL B 105 8.40 -3.92 16.71
C VAL B 105 8.19 -2.92 17.84
N ARG B 106 8.77 -1.74 17.67
CA ARG B 106 8.72 -0.65 18.63
C ARG B 106 7.97 0.53 18.03
N PRO B 107 7.46 1.43 18.87
CA PRO B 107 6.72 2.59 18.35
C PRO B 107 7.54 3.35 17.32
N GLY B 108 6.85 3.75 16.24
CA GLY B 108 7.42 4.47 15.14
C GLY B 108 8.00 3.64 14.03
N GLU B 109 8.09 2.33 14.18
CA GLU B 109 8.64 1.44 13.16
C GLU B 109 7.57 1.02 12.14
N SER B 110 8.00 0.89 10.91
CA SER B 110 7.13 0.43 9.84
C SER B 110 7.23 -1.07 9.65
N PHE B 111 6.13 -1.65 9.14
CA PHE B 111 6.09 -3.04 8.72
C PHE B 111 4.94 -3.21 7.74
N ASN B 112 4.74 -4.45 7.31
CA ASN B 112 3.78 -4.77 6.27
C ASN B 112 2.67 -5.63 6.85
N ILE B 113 1.44 -5.34 6.47
CA ILE B 113 0.30 -6.17 6.82
C ILE B 113 -0.18 -6.94 5.60
N LEU B 114 -0.33 -8.25 5.75
CA LEU B 114 -1.01 -9.11 4.76
C LEU B 114 -2.39 -9.42 5.33
N ALA B 115 -3.41 -8.71 4.84
CA ALA B 115 -4.78 -8.85 5.34
C ALA B 115 -5.34 -10.13 4.74
N CYS B 116 -5.82 -11.04 5.59
CA CYS B 116 -6.25 -12.37 5.17
C CYS B 116 -7.66 -12.64 5.65
N TYR B 117 -8.43 -13.37 4.82
CA TYR B 117 -9.77 -13.84 5.15
C TYR B 117 -9.89 -15.27 4.68
N ASP B 118 -10.49 -16.13 5.49
CA ASP B 118 -10.72 -17.53 5.14
C ASP B 118 -9.44 -18.24 4.74
N GLY B 119 -8.32 -17.85 5.36
CA GLY B 119 -7.07 -18.53 5.14
C GLY B 119 -6.39 -18.16 3.85
N ALA B 120 -6.79 -17.05 3.24
CA ALA B 120 -6.15 -16.60 2.01
C ALA B 120 -5.92 -15.10 2.06
N ALA B 121 -4.75 -14.70 1.53
CA ALA B 121 -4.41 -13.30 1.46
C ALA B 121 -5.34 -12.55 0.52
N ALA B 122 -5.79 -11.37 0.98
CA ALA B 122 -6.68 -10.54 0.20
C ALA B 122 -6.08 -9.20 -0.16
N GLY B 123 -5.20 -8.64 0.68
CA GLY B 123 -4.64 -7.32 0.45
C GLY B 123 -3.35 -7.18 1.21
N VAL B 124 -2.52 -6.24 0.76
CA VAL B 124 -1.23 -5.94 1.38
C VAL B 124 -1.00 -4.44 1.44
N TYR B 125 -0.56 -3.96 2.60
CA TYR B 125 -0.35 -2.54 2.80
C TYR B 125 0.66 -2.29 3.90
N GLY B 126 1.36 -1.17 3.80
CA GLY B 126 2.32 -0.79 4.82
C GLY B 126 1.66 -0.06 5.98
N VAL B 127 2.21 -0.27 7.19
CA VAL B 127 1.71 0.38 8.39
C VAL B 127 2.90 0.89 9.21
N ASN B 128 2.57 1.63 10.28
CA ASN B 128 3.57 2.15 11.19
C ASN B 128 3.01 2.07 12.60
N MET B 129 3.77 1.50 13.53
CA MET B 129 3.29 1.30 14.91
C MET B 129 3.24 2.64 15.64
N ARG B 130 2.07 2.97 16.15
CA ARG B 130 1.88 4.25 16.79
C ARG B 130 2.41 4.24 18.22
N SER B 131 2.46 5.44 18.81
CA SER B 131 3.00 5.60 20.16
C SER B 131 2.16 4.87 21.20
N ASN B 132 0.88 4.65 20.94
CA ASN B 132 0.01 3.89 21.83
C ASN B 132 -0.11 2.42 21.41
N TYR B 133 0.82 1.92 20.60
CA TYR B 133 0.92 0.51 20.23
C TYR B 133 -0.30 -0.01 19.50
N THR B 134 -0.89 0.87 18.70
CA THR B 134 -1.94 0.50 17.76
C THR B 134 -1.47 0.79 16.34
N ILE B 135 -2.14 0.19 15.35
CA ILE B 135 -1.90 0.55 13.97
C ILE B 135 -3.19 1.04 13.35
N ARG B 136 -3.07 1.90 12.34
CA ARG B 136 -4.22 2.39 11.58
C ARG B 136 -4.39 1.47 10.38
N GLY B 137 -5.09 0.36 10.62
CA GLY B 137 -5.27 -0.66 9.63
C GLY B 137 -6.63 -0.54 8.94
N SER B 138 -6.91 -1.54 8.11
CA SER B 138 -8.22 -1.79 7.56
C SER B 138 -8.49 -3.28 7.68
N PHE B 139 -9.36 -3.65 8.61
CA PHE B 139 -9.67 -5.05 8.87
C PHE B 139 -11.15 -5.16 9.19
N ILE B 140 -11.81 -6.18 8.68
CA ILE B 140 -13.19 -6.45 9.10
C ILE B 140 -13.27 -7.86 9.67
N ASN B 141 -14.49 -8.31 9.98
CA ASN B 141 -14.63 -9.62 10.62
C ASN B 141 -13.96 -10.70 9.78
N GLY B 142 -13.23 -11.59 10.45
CA GLY B 142 -12.52 -12.67 9.80
C GLY B 142 -11.03 -12.43 9.60
N ALA B 143 -10.55 -11.23 9.93
CA ALA B 143 -9.17 -10.88 9.67
C ALA B 143 -8.19 -11.36 10.73
N CYS B 144 -8.66 -11.86 11.86
CA CYS B 144 -7.73 -12.17 12.93
C CYS B 144 -6.76 -13.23 12.48
N GLY B 145 -5.50 -13.14 12.96
CA GLY B 145 -4.42 -14.00 12.50
C GLY B 145 -3.67 -13.48 11.29
N SER B 146 -4.14 -12.39 10.68
CA SER B 146 -3.43 -11.79 9.57
C SER B 146 -2.05 -11.36 10.03
N PRO B 147 -0.98 -11.70 9.30
CA PRO B 147 0.36 -11.42 9.79
C PRO B 147 0.93 -10.07 9.33
N GLY B 148 1.80 -9.56 10.18
CA GLY B 148 2.67 -8.45 9.85
C GLY B 148 4.12 -8.91 9.78
N TYR B 149 4.88 -8.30 8.86
CA TYR B 149 6.18 -8.82 8.46
C TYR B 149 7.03 -7.68 7.92
N ASN B 150 8.36 -7.89 8.01
CA ASN B 150 9.34 -7.15 7.22
C ASN B 150 10.24 -8.16 6.54
N ILE B 151 10.80 -7.79 5.41
CA ILE B 151 11.75 -8.64 4.68
C ILE B 151 13.12 -7.98 4.75
N ASN B 152 14.06 -8.63 5.41
CA ASN B 152 15.38 -8.05 5.62
C ASN B 152 16.41 -9.03 5.06
N ASN B 153 16.90 -8.71 3.86
CA ASN B 153 18.00 -9.45 3.25
C ASN B 153 17.68 -10.93 3.12
N GLY B 154 16.53 -11.22 2.51
CA GLY B 154 16.13 -12.58 2.22
C GLY B 154 15.41 -13.31 3.35
N THR B 155 15.41 -12.77 4.56
CA THR B 155 14.76 -13.39 5.71
C THR B 155 13.47 -12.63 6.02
N VAL B 156 12.39 -13.36 6.24
CA VAL B 156 11.13 -12.78 6.67
C VAL B 156 11.16 -12.62 8.19
N GLU B 157 10.95 -11.41 8.67
CA GLU B 157 10.87 -11.11 10.09
C GLU B 157 9.39 -10.94 10.44
N PHE B 158 8.83 -11.90 11.17
CA PHE B 158 7.42 -11.81 11.52
C PHE B 158 7.27 -11.02 12.83
N CYS B 159 6.39 -10.03 12.83
CA CYS B 159 6.29 -9.13 13.96
C CYS B 159 4.87 -8.88 14.50
N TYR B 160 3.85 -9.47 13.89
CA TYR B 160 2.49 -9.15 14.28
C TYR B 160 1.55 -10.24 13.80
N LEU B 161 0.59 -10.59 14.64
CA LEU B 161 -0.59 -11.38 14.27
C LEU B 161 -1.83 -10.63 14.78
N HIS B 162 -2.77 -10.36 13.87
CA HIS B 162 -3.87 -9.49 14.21
C HIS B 162 -4.82 -10.11 15.24
N GLN B 163 -5.22 -9.29 16.22
CA GLN B 163 -6.04 -9.76 17.35
C GLN B 163 -7.36 -9.04 17.52
N LEU B 164 -7.40 -7.71 17.45
CA LEU B 164 -8.65 -7.04 17.81
C LEU B 164 -8.69 -5.60 17.34
N GLU B 165 -9.90 -5.05 17.37
CA GLU B 165 -10.17 -3.66 17.01
C GLU B 165 -10.70 -2.90 18.22
N LEU B 166 -10.21 -1.70 18.44
CA LEU B 166 -10.69 -0.91 19.56
C LEU B 166 -11.88 -0.04 19.12
N GLY B 167 -12.54 0.58 20.11
CA GLY B 167 -13.74 1.35 19.80
C GLY B 167 -13.51 2.47 18.80
N SER B 168 -12.28 2.98 18.74
CA SER B 168 -11.92 4.04 17.81
C SER B 168 -11.72 3.53 16.38
N GLY B 169 -11.67 2.22 16.19
CA GLY B 169 -11.37 1.66 14.89
C GLY B 169 -9.91 1.35 14.63
N CYS B 170 -9.01 1.65 15.56
CA CYS B 170 -7.61 1.27 15.38
C CYS B 170 -7.40 -0.16 15.87
N HIS B 171 -6.25 -0.72 15.54
CA HIS B 171 -6.03 -2.15 15.54
C HIS B 171 -4.86 -2.59 16.39
N VAL B 172 -5.04 -3.75 17.01
CA VAL B 172 -4.08 -4.30 17.96
C VAL B 172 -3.78 -5.75 17.59
N GLY B 173 -2.49 -6.11 17.63
CA GLY B 173 -2.05 -7.47 17.43
C GLY B 173 -1.18 -7.93 18.60
N SER B 174 -0.74 -9.18 18.53
CA SER B 174 0.35 -9.65 19.36
C SER B 174 1.59 -9.86 18.50
N ASP B 175 2.76 -9.87 19.14
CA ASP B 175 3.95 -10.39 18.49
C ASP B 175 3.88 -11.92 18.46
N LEU B 176 4.85 -12.53 17.81
CA LEU B 176 4.83 -13.96 17.57
C LEU B 176 5.28 -14.75 18.80
N ASP B 177 5.77 -14.05 19.82
CA ASP B 177 5.95 -14.62 21.15
C ASP B 177 4.64 -14.68 21.94
N GLY B 178 3.55 -14.14 21.42
CA GLY B 178 2.27 -14.10 22.12
C GLY B 178 2.07 -12.92 23.03
N VAL B 179 2.94 -11.92 22.97
CA VAL B 179 2.82 -10.71 23.79
C VAL B 179 2.00 -9.67 23.05
N MET B 180 0.88 -9.27 23.65
CA MET B 180 0.02 -8.25 23.02
C MET B 180 0.73 -6.91 22.98
N TYR B 181 0.70 -6.25 21.83
CA TYR B 181 1.24 -4.90 21.77
C TYR B 181 0.43 -3.99 22.69
N GLY B 182 1.15 -3.17 23.45
CA GLY B 182 0.53 -2.19 24.30
C GLY B 182 -0.09 -2.75 25.57
N GLY B 183 -0.08 -4.07 25.74
CA GLY B 183 -0.66 -4.66 26.93
C GLY B 183 -2.16 -4.77 26.93
N TYR B 184 -2.82 -4.44 25.82
CA TYR B 184 -4.24 -4.66 25.70
C TYR B 184 -4.54 -6.13 25.88
N GLU B 185 -5.74 -6.41 26.34
CA GLU B 185 -6.18 -7.77 26.62
C GLU B 185 -6.85 -8.36 25.40
N ASP B 186 -6.64 -9.67 25.17
CA ASP B 186 -7.40 -10.38 24.13
C ASP B 186 -8.70 -10.89 24.73
N GLN B 187 -9.55 -9.94 25.07
CA GLN B 187 -10.82 -10.19 25.73
C GLN B 187 -11.89 -9.37 25.03
N PRO B 188 -13.16 -9.77 25.15
CA PRO B 188 -14.24 -9.00 24.51
C PRO B 188 -14.71 -7.80 25.32
N THR B 189 -14.22 -7.62 26.55
CA THR B 189 -14.65 -6.47 27.35
C THR B 189 -14.14 -5.17 26.73
N LEU B 190 -14.78 -4.07 27.10
CA LEU B 190 -14.46 -2.79 26.48
C LEU B 190 -13.14 -2.27 27.02
N GLN B 191 -12.24 -1.90 26.11
CA GLN B 191 -11.01 -1.22 26.43
C GLN B 191 -10.93 -0.03 25.49
N VAL B 192 -10.38 1.07 25.97
CA VAL B 192 -10.21 2.27 25.14
C VAL B 192 -8.72 2.45 24.87
N GLU B 193 -8.41 2.94 23.68
CA GLU B 193 -7.01 3.12 23.32
C GLU B 193 -6.37 4.21 24.18
N GLY B 194 -5.10 4.02 24.48
CA GLY B 194 -4.34 5.08 25.10
C GLY B 194 -4.21 6.26 24.16
N ALA B 195 -3.78 7.37 24.75
CA ALA B 195 -3.57 8.59 23.99
C ALA B 195 -2.52 8.36 22.91
N SER B 196 -2.78 8.89 21.72
CA SER B 196 -1.92 8.76 20.56
C SER B 196 -1.30 10.11 20.24
N SER B 197 -0.02 10.10 19.87
CA SER B 197 0.72 11.30 19.51
C SER B 197 1.44 11.04 18.20
N LEU B 198 1.56 12.08 17.36
CA LEU B 198 2.30 11.93 16.12
C LEU B 198 3.76 11.64 16.39
N PHE B 199 4.34 10.73 15.60
CA PHE B 199 5.72 10.31 15.83
C PHE B 199 6.68 11.26 15.14
N THR B 200 7.29 12.14 15.94
CA THR B 200 7.98 13.30 15.38
C THR B 200 9.19 12.89 14.53
N GLU B 201 9.90 11.84 14.91
CA GLU B 201 11.06 11.48 14.09
C GLU B 201 10.63 11.06 12.69
N ASN B 202 9.43 10.49 12.56
CA ASN B 202 8.93 10.17 11.23
C ASN B 202 8.43 11.41 10.48
N VAL B 203 7.85 12.38 11.19
CA VAL B 203 7.50 13.63 10.52
C VAL B 203 8.74 14.27 9.94
N LEU B 204 9.85 14.23 10.68
CA LEU B 204 11.11 14.78 10.20
C LEU B 204 11.55 14.08 8.92
N ALA B 205 11.46 12.76 8.90
CA ALA B 205 11.80 12.03 7.69
C ALA B 205 10.92 12.45 6.52
N PHE B 206 9.61 12.60 6.75
CA PHE B 206 8.70 13.03 5.71
C PHE B 206 9.07 14.42 5.17
N LEU B 207 9.41 15.35 6.06
CA LEU B 207 9.76 16.69 5.59
C LEU B 207 11.06 16.68 4.80
N TYR B 208 12.04 15.84 5.16
CA TYR B 208 13.21 15.70 4.29
C TYR B 208 12.81 15.15 2.91
N ALA B 209 11.91 14.16 2.85
CA ALA B 209 11.42 13.69 1.57
C ALA B 209 10.80 14.82 0.76
N ALA B 210 10.04 15.69 1.45
CA ALA B 210 9.39 16.80 0.76
C ALA B 210 10.43 17.74 0.16
N LEU B 211 11.47 18.09 0.91
CA LEU B 211 12.53 18.94 0.38
C LEU B 211 13.19 18.32 -0.84
N ILE B 212 13.52 17.03 -0.76
CA ILE B 212 14.17 16.35 -1.88
C ILE B 212 13.29 16.38 -3.12
N ASN B 213 11.97 16.37 -2.92
CA ASN B 213 11.00 16.44 -4.01
C ASN B 213 10.59 17.87 -4.38
N GLY B 214 11.28 18.87 -3.85
CA GLY B 214 11.07 20.24 -4.27
C GLY B 214 9.98 21.00 -3.55
N SER B 215 9.45 20.46 -2.45
CA SER B 215 8.45 21.14 -1.64
C SER B 215 9.16 21.90 -0.52
N THR B 216 9.06 23.23 -0.56
CA THR B 216 9.73 24.10 0.41
C THR B 216 8.84 25.20 0.98
N TRP B 217 7.57 25.27 0.59
CA TRP B 217 6.72 26.40 1.01
C TRP B 217 6.61 26.52 2.52
N TRP B 218 6.71 25.39 3.23
CA TRP B 218 6.46 25.25 4.67
C TRP B 218 7.72 25.47 5.51
N LEU B 219 8.89 25.62 4.86
CA LEU B 219 10.16 25.60 5.57
C LEU B 219 10.39 26.90 6.30
N SER B 220 10.58 26.80 7.61
CA SER B 220 10.82 27.94 8.48
C SER B 220 12.25 28.45 8.33
N SER B 221 12.42 29.75 8.56
CA SER B 221 13.74 30.31 8.73
C SER B 221 14.22 30.22 10.16
N SER B 222 13.30 30.00 11.12
CA SER B 222 13.63 29.93 12.53
C SER B 222 14.15 28.55 12.89
N ARG B 223 14.64 28.44 14.12
CA ARG B 223 15.20 27.19 14.64
C ARG B 223 14.75 27.02 16.08
N ILE B 224 14.67 25.75 16.54
CA ILE B 224 14.41 25.44 17.94
C ILE B 224 15.23 24.20 18.31
N ALA B 225 15.85 24.22 19.49
CA ALA B 225 16.66 23.10 19.96
C ALA B 225 15.79 21.89 20.28
N VAL B 226 16.39 20.71 20.10
CA VAL B 226 15.65 19.46 20.30
C VAL B 226 14.98 19.41 21.67
N ASP B 227 15.70 19.74 22.75
CA ASP B 227 15.11 19.54 24.07
C ASP B 227 14.01 20.56 24.37
N ARG B 228 14.13 21.79 23.85
CA ARG B 228 13.05 22.76 24.00
C ARG B 228 11.84 22.35 23.17
N PHE B 229 12.07 21.82 21.96
CA PHE B 229 10.96 21.31 21.16
C PHE B 229 10.24 20.18 21.90
N ASN B 230 11.01 19.28 22.52
CA ASN B 230 10.45 18.12 23.21
C ASN B 230 9.55 18.56 24.35
N GLU B 231 9.89 19.65 25.03
CA GLU B 231 9.00 20.16 26.07
C GLU B 231 7.66 20.58 25.49
N TRP B 232 7.68 21.22 24.32
CA TRP B 232 6.45 21.62 23.62
C TRP B 232 5.69 20.40 23.11
N ALA B 233 6.42 19.39 22.63
CA ALA B 233 5.79 18.26 21.97
C ALA B 233 4.78 17.57 22.87
N VAL B 234 5.16 17.30 24.12
CA VAL B 234 4.38 16.45 25.02
C VAL B 234 3.15 17.19 25.53
N HIS B 235 3.02 18.47 25.18
CA HIS B 235 1.82 19.23 25.46
C HIS B 235 1.01 19.50 24.20
N ASN B 236 1.47 19.01 23.05
CA ASN B 236 0.84 19.33 21.78
C ASN B 236 0.69 18.09 20.89
N GLY B 237 0.56 16.92 21.50
CA GLY B 237 0.20 15.73 20.75
C GLY B 237 1.28 15.20 19.84
N MET B 238 2.54 15.35 20.21
CA MET B 238 3.67 14.87 19.42
C MET B 238 4.68 14.22 20.34
N THR B 239 5.41 13.25 19.79
CA THR B 239 6.40 12.55 20.57
C THR B 239 7.73 13.31 20.63
N THR B 240 8.52 12.96 21.64
CA THR B 240 9.84 13.56 21.74
C THR B 240 10.77 13.00 20.68
N VAL B 241 11.80 13.80 20.36
CA VAL B 241 12.87 13.40 19.46
C VAL B 241 14.02 12.89 20.30
N VAL B 242 14.42 11.65 20.04
CA VAL B 242 15.50 10.98 20.77
C VAL B 242 16.69 10.71 19.88
N ASN B 243 16.45 10.24 18.65
CA ASN B 243 17.50 9.90 17.71
C ASN B 243 17.60 10.99 16.66
N THR B 244 18.82 11.50 16.45
CA THR B 244 19.07 12.47 15.40
C THR B 244 20.19 12.08 14.44
N ASP B 245 21.12 11.18 14.83
CA ASP B 245 22.18 10.79 13.90
C ASP B 245 21.61 10.20 12.62
N CYS B 246 20.43 9.60 12.68
CA CYS B 246 19.83 9.03 11.47
C CYS B 246 19.54 10.09 10.42
N PHE B 247 19.48 11.37 10.77
CA PHE B 247 19.16 12.39 9.79
C PHE B 247 20.39 12.98 9.09
N SER B 248 21.60 12.57 9.47
CA SER B 248 22.81 13.21 8.97
C SER B 248 22.88 13.26 7.44
N ILE B 249 22.58 12.14 6.77
CA ILE B 249 22.72 12.15 5.33
C ILE B 249 21.64 12.99 4.68
N LEU B 250 20.42 12.99 5.25
CA LEU B 250 19.35 13.82 4.69
C LEU B 250 19.63 15.30 4.91
N ALA B 251 20.15 15.67 6.07
CA ALA B 251 20.51 17.07 6.28
C ALA B 251 21.64 17.48 5.35
N ALA B 252 22.57 16.57 5.07
CA ALA B 252 23.66 16.91 4.15
C ALA B 252 23.15 17.08 2.72
N LYS B 253 22.24 16.21 2.27
CA LYS B 253 21.78 16.31 0.89
C LYS B 253 20.92 17.54 0.66
N THR B 254 20.14 17.93 1.66
CA THR B 254 19.19 19.04 1.50
C THR B 254 19.74 20.38 1.96
N GLY B 255 20.76 20.38 2.82
CA GLY B 255 21.24 21.60 3.42
C GLY B 255 20.42 22.13 4.56
N VAL B 256 19.52 21.32 5.11
CA VAL B 256 18.56 21.76 6.12
C VAL B 256 18.72 20.93 7.39
N ASP B 257 18.90 21.61 8.51
CA ASP B 257 19.14 20.91 9.76
C ASP B 257 17.84 20.61 10.51
N VAL B 258 17.95 19.68 11.44
CA VAL B 258 16.79 19.22 12.21
C VAL B 258 16.13 20.37 12.95
N GLN B 259 16.93 21.30 13.50
CA GLN B 259 16.37 22.39 14.29
C GLN B 259 15.44 23.28 13.45
N ARG B 260 15.78 23.46 12.18
CA ARG B 260 14.93 24.18 11.26
C ARG B 260 13.64 23.42 10.96
N LEU B 261 13.73 22.10 10.79
CA LEU B 261 12.50 21.34 10.58
C LEU B 261 11.61 21.33 11.82
N LEU B 262 12.18 21.29 13.03
CA LEU B 262 11.37 21.33 14.23
C LEU B 262 10.60 22.63 14.35
N ALA B 263 11.21 23.76 14.00
CA ALA B 263 10.48 25.01 14.00
C ALA B 263 9.39 25.01 12.95
N SER B 264 9.66 24.42 11.79
CA SER B 264 8.63 24.26 10.77
C SER B 264 7.47 23.43 11.31
N ILE B 265 7.75 22.32 12.01
CA ILE B 265 6.68 21.52 12.58
C ILE B 265 5.80 22.35 13.52
N GLN B 266 6.41 23.21 14.34
CA GLN B 266 5.60 24.02 15.24
C GLN B 266 4.66 24.94 14.46
N SER B 267 5.17 25.59 13.41
CA SER B 267 4.33 26.47 12.60
C SER B 267 3.23 25.71 11.86
N LEU B 268 3.54 24.51 11.34
CA LEU B 268 2.52 23.74 10.64
C LEU B 268 1.39 23.36 11.58
N HIS B 269 1.69 23.15 12.87
CA HIS B 269 0.66 22.95 13.87
C HIS B 269 -0.28 24.17 13.96
N LYS B 270 0.13 25.34 13.48
CA LYS B 270 -0.63 26.58 13.66
C LYS B 270 -1.58 26.95 12.52
N ASN B 271 -1.31 26.53 11.29
CA ASN B 271 -2.26 26.71 10.19
C ASN B 271 -2.57 25.31 9.68
N PHE B 272 -2.81 24.38 10.60
CA PHE B 272 -2.85 22.96 10.27
C PHE B 272 -4.02 22.66 9.34
N GLY B 273 -3.71 22.13 8.15
CA GLY B 273 -4.68 21.85 7.13
C GLY B 273 -4.67 22.83 5.97
N GLY B 274 -4.07 24.01 6.14
CA GLY B 274 -4.18 25.04 5.13
C GLY B 274 -3.58 24.65 3.80
N LYS B 275 -2.73 23.63 3.79
CA LYS B 275 -2.03 23.26 2.58
C LYS B 275 -1.39 21.90 2.82
N GLN B 276 -1.41 21.07 1.81
CA GLN B 276 -0.79 19.75 1.86
C GLN B 276 0.68 19.84 1.51
N ILE B 277 1.41 18.75 1.83
CA ILE B 277 2.80 18.57 1.48
C ILE B 277 2.91 17.29 0.65
N LEU B 278 3.33 17.43 -0.61
CA LEU B 278 3.39 16.29 -1.53
C LEU B 278 2.06 15.55 -1.59
N GLY B 279 0.97 16.28 -1.43
CA GLY B 279 -0.35 15.69 -1.48
C GLY B 279 -0.78 14.98 -0.23
N TYR B 280 0.00 15.08 0.84
CA TYR B 280 -0.32 14.47 2.12
C TYR B 280 -0.65 15.54 3.16
N THR B 281 -1.34 15.11 4.22
CA THR B 281 -1.44 15.91 5.43
C THR B 281 -0.06 16.39 5.85
N SER B 282 0.05 17.64 6.29
CA SER B 282 1.38 18.22 6.43
C SER B 282 2.20 17.53 7.53
N LEU B 283 1.56 17.00 8.58
CA LEU B 283 2.31 16.32 9.65
C LEU B 283 2.17 14.81 9.58
N THR B 284 2.47 14.26 8.43
CA THR B 284 2.40 12.82 8.20
C THR B 284 3.55 12.12 8.92
N ASP B 285 3.20 11.06 9.69
CA ASP B 285 4.17 10.36 10.52
C ASP B 285 4.28 8.86 10.21
N GLU B 286 3.84 8.42 9.04
CA GLU B 286 3.89 7.00 8.72
C GLU B 286 5.18 6.55 8.03
N PHE B 287 6.07 7.48 7.66
CA PHE B 287 7.30 7.15 6.94
C PHE B 287 8.51 7.27 7.86
N THR B 288 9.35 6.23 7.88
CA THR B 288 10.59 6.29 8.64
C THR B 288 11.75 6.84 7.81
N THR B 289 12.86 7.18 8.47
CA THR B 289 14.04 7.63 7.74
C THR B 289 14.53 6.57 6.76
N GLY B 290 14.50 5.31 7.18
CA GLY B 290 14.89 4.24 6.28
C GLY B 290 14.02 4.13 5.05
N GLU B 291 12.70 4.25 5.21
CA GLU B 291 11.81 4.18 4.04
C GLU B 291 12.08 5.33 3.09
N VAL B 292 12.28 6.53 3.63
CA VAL B 292 12.54 7.70 2.79
C VAL B 292 13.86 7.53 2.03
N ILE B 293 14.92 7.13 2.72
CA ILE B 293 16.21 6.97 2.03
C ILE B 293 16.08 5.95 0.90
N ARG B 294 15.39 4.84 1.14
CA ARG B 294 15.20 3.83 0.10
C ARG B 294 14.44 4.38 -1.11
N GLN B 295 13.35 5.11 -0.87
CA GLN B 295 12.56 5.60 -1.99
C GLN B 295 13.23 6.75 -2.71
N MET B 296 14.05 7.53 -2.02
CA MET B 296 14.68 8.64 -2.72
C MET B 296 15.91 8.17 -3.49
N TYR B 297 16.65 7.22 -2.91
CA TYR B 297 17.99 6.89 -3.40
C TYR B 297 18.22 5.43 -3.76
N GLY B 298 17.33 4.52 -3.37
CA GLY B 298 17.48 3.11 -3.69
C GLY B 298 18.10 2.32 -2.55
N VAL B 299 18.14 1.00 -2.74
CA VAL B 299 18.73 0.11 -1.74
C VAL B 299 20.15 -0.26 -2.13
#